data_8SKI
#
_entry.id   8SKI
#
_cell.length_a   98.560
_cell.length_b   98.560
_cell.length_c   81.094
_cell.angle_alpha   90.000
_cell.angle_beta   90.000
_cell.angle_gamma   120.000
#
_symmetry.space_group_name_H-M   'P 61'
#
loop_
_entity.id
_entity.type
_entity.pdbx_description
1 polymer 'DNA polymerase eta'
2 polymer "DNA (5'-D(P*TP*IP*CP*TP*CP*AP*CP*AP*CP*T)-3')"
3 polymer "DNA (5'-D(*AP*GP*TP*GP*TP*GP*AP*G)-3')"
4 non-polymer "2'-deoxy-5-fluorouridine 5'-(tetrahydrogen triphosphate)"
5 non-polymer 'CALCIUM ION'
6 water water
#
loop_
_entity_poly.entity_id
_entity_poly.type
_entity_poly.pdbx_seq_one_letter_code
_entity_poly.pdbx_strand_id
1 'polypeptide(L)'
;MATGQDRVVALVDMDCFFVQVEQRQNPHLRNKPCAVVQYKSWKGGGIIAVSYEARAFGVTRSMWADDAKKLCPDLLLAQV
RESRGKANLTKYREASVEVMEIMSRFAVIERASIDEAYVDLTSAVQERLQKLQGQPISADLLPSTYIEGLPQGPTTAEET
VQKEGMRKQGLFQWLDSLQIDNLTSPDLQLTVGAVIVEEMRAAIERETGFQCSAGISHNKVLAKLACGLNKPNRQTLVSH
GSVPQLFSQMPIRKIRSLGGKLGASVIEILGIEYMGELTQFTESQLQSHFGEKNGSWLYAMCRGIEHDPVKPRQLPKTIG
CSKNFPGKTALATREQVQWWLLQLAQELEERLTKDRNDNDRVATQLVVSIRVQGDKRLSSLRRCCALTRYDAHKMSHDAF
TVIKNCNTSGIQTEWSPPLTMLFLCATKFSAS
;
A
2 'polydeoxyribonucleotide' (DC)(DA)(DT)(DI)(DC)(DT)(DC)(DA)(DC)(DA)(DC)(DT) T
3 'polydeoxyribonucleotide' (DA)(DG)(DT)(DG)(DT)(DG)(DA)(DG) P
#
# COMPACT_ATOMS: atom_id res chain seq x y z
N ALA A 2 -8.03 -27.66 9.48
CA ALA A 2 -8.42 -26.31 9.05
C ALA A 2 -7.44 -25.75 8.03
N THR A 3 -7.94 -25.50 6.81
CA THR A 3 -7.08 -25.26 5.67
C THR A 3 -6.98 -23.79 5.27
N GLY A 4 -7.55 -22.86 6.04
CA GLY A 4 -7.44 -21.45 5.69
C GLY A 4 -8.08 -21.12 4.35
N GLN A 5 -9.33 -21.57 4.19
CA GLN A 5 -10.09 -21.49 2.94
C GLN A 5 -11.48 -20.93 3.20
N ASP A 6 -11.69 -20.32 4.37
CA ASP A 6 -13.00 -19.86 4.79
C ASP A 6 -13.42 -18.62 4.01
N ARG A 7 -12.48 -17.73 3.72
CA ARG A 7 -12.74 -16.39 3.21
C ARG A 7 -12.34 -16.28 1.75
N VAL A 8 -12.86 -15.26 1.08
CA VAL A 8 -12.33 -14.84 -0.20
C VAL A 8 -11.92 -13.38 -0.08
N VAL A 9 -10.63 -13.12 -0.36
CA VAL A 9 -10.02 -11.83 -0.07
C VAL A 9 -9.26 -11.36 -1.29
N ALA A 10 -9.39 -10.08 -1.59
CA ALA A 10 -8.66 -9.48 -2.68
C ALA A 10 -7.82 -8.31 -2.20
N LEU A 11 -6.69 -8.10 -2.86
CA LEU A 11 -5.91 -6.89 -2.71
C LEU A 11 -5.93 -6.19 -4.06
N VAL A 12 -6.33 -4.91 -4.09
CA VAL A 12 -6.35 -4.16 -5.34
C VAL A 12 -5.30 -3.08 -5.26
N ASP A 13 -4.50 -2.98 -6.31
CA ASP A 13 -3.38 -2.06 -6.32
C ASP A 13 -3.51 -1.18 -7.56
N MET A 14 -3.67 0.12 -7.36
CA MET A 14 -3.75 1.04 -8.48
C MET A 14 -2.35 1.15 -9.09
N ASP A 15 -2.19 0.60 -10.31
CA ASP A 15 -0.92 0.67 -11.04
C ASP A 15 -0.35 2.09 -11.08
N CYS A 16 0.90 2.24 -10.63
CA CYS A 16 1.64 3.51 -10.60
C CYS A 16 0.71 4.70 -10.41
N PHE A 17 0.00 4.70 -9.29
CA PHE A 17 -1.19 5.51 -9.11
C PHE A 17 -0.94 6.99 -9.37
N PHE A 18 0.07 7.57 -8.72
CA PHE A 18 0.29 9.01 -8.87
C PHE A 18 0.49 9.38 -10.34
N VAL A 19 1.27 8.56 -11.07
CA VAL A 19 1.44 8.75 -12.51
C VAL A 19 0.08 8.74 -13.23
N GLN A 20 -0.75 7.73 -12.92
CA GLN A 20 -2.08 7.67 -13.54
C GLN A 20 -2.87 8.93 -13.28
N VAL A 21 -2.81 9.44 -12.04
CA VAL A 21 -3.55 10.65 -11.70
C VAL A 21 -3.06 11.81 -12.57
N GLU A 22 -1.74 11.96 -12.75
CA GLU A 22 -1.26 13.05 -13.60
C GLU A 22 -1.57 12.77 -15.08
N GLN A 23 -1.57 11.50 -15.49
CA GLN A 23 -1.84 11.17 -16.90
C GLN A 23 -3.31 11.41 -17.24
N ARG A 24 -4.21 11.14 -16.29
CA ARG A 24 -5.61 11.44 -16.56
C ARG A 24 -5.79 12.92 -16.78
N GLN A 25 -5.13 13.75 -15.96
CA GLN A 25 -5.30 15.20 -16.04
C GLN A 25 -4.54 15.81 -17.21
N ASN A 26 -3.40 15.22 -17.62
CA ASN A 26 -2.59 15.77 -18.72
C ASN A 26 -2.45 14.69 -19.77
N PRO A 27 -3.36 14.64 -20.75
CA PRO A 27 -3.29 13.57 -21.77
C PRO A 27 -1.98 13.51 -22.53
N HIS A 28 -1.22 14.60 -22.60
CA HIS A 28 0.09 14.52 -23.25
C HIS A 28 0.98 13.47 -22.62
N LEU A 29 0.69 13.05 -21.39
CA LEU A 29 1.55 12.13 -20.66
C LEU A 29 1.19 10.67 -20.85
N ARG A 30 -0.01 10.36 -21.37
CA ARG A 30 -0.50 9.00 -21.38
C ARG A 30 0.32 8.13 -22.35
N ASN A 31 0.47 6.85 -21.99
CA ASN A 31 1.19 5.88 -22.82
C ASN A 31 2.59 6.35 -23.21
N LYS A 32 3.25 7.10 -22.34
CA LYS A 32 4.65 7.50 -22.49
C LYS A 32 5.39 7.07 -21.23
N PRO A 33 6.71 6.92 -21.30
CA PRO A 33 7.49 6.79 -20.07
C PRO A 33 7.40 8.09 -19.29
N CYS A 34 6.96 7.99 -18.05
CA CYS A 34 6.92 9.20 -17.27
C CYS A 34 6.89 8.87 -15.79
N ALA A 35 7.14 9.88 -14.98
CA ALA A 35 7.33 9.70 -13.55
C ALA A 35 6.80 10.91 -12.81
N VAL A 36 6.48 10.72 -11.54
CA VAL A 36 6.09 11.84 -10.70
C VAL A 36 7.24 12.12 -9.73
N VAL A 37 7.58 13.40 -9.59
CA VAL A 37 8.71 13.82 -8.77
C VAL A 37 8.21 14.84 -7.74
N GLN A 38 8.97 14.98 -6.65
CA GLN A 38 8.79 16.08 -5.72
C GLN A 38 10.12 16.81 -5.52
N TYR A 39 10.03 18.12 -5.32
CA TYR A 39 11.20 18.97 -5.09
C TYR A 39 12.15 18.98 -6.28
N LYS A 40 11.86 19.79 -7.30
CA LYS A 40 12.63 19.82 -8.54
C LYS A 40 14.09 20.28 -8.36
N SER A 41 14.43 20.94 -7.25
CA SER A 41 15.70 21.64 -7.17
C SER A 41 16.89 20.73 -6.93
N TRP A 42 16.71 19.69 -6.12
CA TRP A 42 17.82 18.82 -5.74
C TRP A 42 17.85 17.63 -6.70
N LYS A 43 18.76 17.68 -7.67
CA LYS A 43 19.00 16.58 -8.59
C LYS A 43 17.77 16.27 -9.42
N GLY A 44 17.03 17.31 -9.80
CA GLY A 44 15.83 17.19 -10.59
C GLY A 44 14.62 16.70 -9.84
N GLY A 45 14.76 16.31 -8.59
CA GLY A 45 13.67 15.86 -7.76
C GLY A 45 13.69 14.35 -7.56
N GLY A 46 13.07 13.92 -6.46
CA GLY A 46 12.96 12.51 -6.15
C GLY A 46 11.71 11.91 -6.77
N ILE A 47 11.88 10.75 -7.37
CA ILE A 47 10.82 10.10 -8.12
C ILE A 47 10.01 9.22 -7.15
N ILE A 48 8.69 9.48 -7.06
CA ILE A 48 7.82 8.71 -6.18
C ILE A 48 6.84 7.84 -6.92
N ALA A 49 6.88 7.85 -8.25
CA ALA A 49 5.96 7.01 -9.01
C ALA A 49 6.44 6.95 -10.45
N VAL A 50 6.34 5.77 -11.05
CA VAL A 50 6.97 5.49 -12.33
C VAL A 50 6.03 4.67 -13.18
N SER A 51 5.70 5.16 -14.36
CA SER A 51 4.84 4.40 -15.25
C SER A 51 5.57 3.16 -15.76
N TYR A 52 4.81 2.21 -16.32
CA TYR A 52 5.40 0.95 -16.74
C TYR A 52 6.31 1.12 -17.95
N GLU A 53 5.96 2.03 -18.87
CA GLU A 53 6.87 2.34 -19.95
C GLU A 53 8.21 2.85 -19.43
N ALA A 54 8.21 3.68 -18.37
CA ALA A 54 9.49 4.17 -17.85
C ALA A 54 10.25 3.08 -17.09
N ARG A 55 9.54 2.24 -16.32
CA ARG A 55 10.17 1.12 -15.62
C ARG A 55 10.92 0.19 -16.58
N ALA A 56 10.47 0.08 -17.84
CA ALA A 56 11.15 -0.76 -18.81
C ALA A 56 12.54 -0.24 -19.17
N PHE A 57 12.84 1.03 -18.86
CA PHE A 57 14.19 1.55 -19.02
C PHE A 57 15.03 1.39 -17.76
N GLY A 58 14.44 0.86 -16.68
CA GLY A 58 15.12 0.71 -15.40
C GLY A 58 14.82 1.80 -14.39
N VAL A 59 13.93 2.74 -14.71
CA VAL A 59 13.58 3.81 -13.78
C VAL A 59 12.77 3.23 -12.64
N THR A 60 13.16 3.55 -11.41
CA THR A 60 12.53 3.04 -10.20
C THR A 60 12.16 4.21 -9.30
N ARG A 61 11.33 3.91 -8.30
CA ARG A 61 11.11 4.85 -7.22
C ARG A 61 12.39 5.03 -6.44
N SER A 62 12.48 6.18 -5.76
CA SER A 62 13.61 6.60 -4.96
C SER A 62 14.78 7.05 -5.82
N MET A 63 14.66 7.00 -7.13
CA MET A 63 15.68 7.58 -7.99
C MET A 63 15.56 9.09 -8.01
N TRP A 64 16.70 9.76 -8.14
CA TRP A 64 16.70 11.17 -8.51
C TRP A 64 16.30 11.32 -9.97
N ALA A 65 15.61 12.41 -10.28
CA ALA A 65 15.13 12.55 -11.65
C ALA A 65 16.29 12.69 -12.62
N ASP A 66 17.34 13.43 -12.23
CA ASP A 66 18.51 13.53 -13.10
C ASP A 66 19.06 12.14 -13.43
N ASP A 67 19.07 11.23 -12.47
CA ASP A 67 19.54 9.87 -12.74
C ASP A 67 18.58 9.13 -13.66
N ALA A 68 17.28 9.23 -13.38
CA ALA A 68 16.31 8.56 -14.25
C ALA A 68 16.39 9.06 -15.69
N LYS A 69 16.74 10.33 -15.88
CA LYS A 69 16.88 10.87 -17.24
C LYS A 69 18.10 10.28 -17.97
N LYS A 70 19.15 9.96 -17.23
CA LYS A 70 20.28 9.22 -17.81
C LYS A 70 19.82 7.86 -18.33
N LEU A 71 18.98 7.16 -17.57
CA LEU A 71 18.50 5.86 -18.03
C LEU A 71 17.46 5.98 -19.12
N CYS A 72 16.70 7.08 -19.14
CA CYS A 72 15.50 7.18 -19.99
C CYS A 72 15.42 8.63 -20.45
N PRO A 73 16.10 8.96 -21.55
CA PRO A 73 16.25 10.36 -21.96
C PRO A 73 14.95 11.07 -22.30
N ASP A 74 13.94 10.35 -22.80
CA ASP A 74 12.65 10.96 -23.13
C ASP A 74 11.64 10.89 -21.97
N LEU A 75 12.11 10.63 -20.75
CA LEU A 75 11.22 10.54 -19.60
C LEU A 75 10.46 11.84 -19.39
N LEU A 76 9.14 11.74 -19.25
CA LEU A 76 8.31 12.89 -18.95
C LEU A 76 8.02 12.94 -17.44
N LEU A 77 7.96 14.15 -16.89
CA LEU A 77 7.87 14.35 -15.44
C LEU A 77 6.69 15.24 -15.08
N ALA A 78 5.90 14.82 -14.10
CA ALA A 78 4.95 15.68 -13.42
C ALA A 78 5.47 15.93 -12.03
N GLN A 79 5.44 17.19 -11.59
CA GLN A 79 5.85 17.51 -10.23
C GLN A 79 4.65 17.54 -9.31
N VAL A 80 4.88 17.09 -8.08
CA VAL A 80 3.89 17.19 -7.03
C VAL A 80 3.66 18.67 -6.67
N ARG A 81 2.41 19.00 -6.37
CA ARG A 81 2.10 20.31 -5.82
C ARG A 81 2.89 20.55 -4.54
N GLU A 82 3.47 21.74 -4.44
CA GLU A 82 4.09 22.23 -3.21
C GLU A 82 3.20 23.28 -2.58
N SER A 83 3.04 23.21 -1.27
CA SER A 83 2.25 24.19 -0.54
C SER A 83 2.97 24.49 0.76
N ARG A 84 3.26 25.77 1.00
CA ARG A 84 3.99 26.20 2.18
C ARG A 84 5.34 25.49 2.29
N GLY A 85 6.06 25.43 1.18
CA GLY A 85 7.40 24.85 1.22
C GLY A 85 7.47 23.35 1.33
N LYS A 86 6.38 22.63 1.12
CA LYS A 86 6.45 21.19 1.23
C LYS A 86 5.52 20.53 0.21
N ALA A 87 5.88 19.30 -0.13
CA ALA A 87 5.07 18.52 -1.04
C ALA A 87 3.68 18.32 -0.46
N ASN A 88 2.67 18.47 -1.31
CA ASN A 88 1.28 18.35 -0.89
C ASN A 88 0.61 17.28 -1.72
N LEU A 89 0.08 16.26 -1.06
CA LEU A 89 -0.43 15.08 -1.74
C LEU A 89 -1.92 15.13 -1.97
N THR A 90 -2.55 16.29 -1.80
CA THR A 90 -4.00 16.35 -1.73
C THR A 90 -4.68 15.77 -2.96
N LYS A 91 -4.14 16.06 -4.15
CA LYS A 91 -4.79 15.59 -5.38
C LYS A 91 -4.86 14.07 -5.42
N TYR A 92 -3.81 13.40 -4.92
CA TYR A 92 -3.78 11.94 -4.90
C TYR A 92 -4.72 11.39 -3.85
N ARG A 93 -4.75 12.02 -2.67
CA ARG A 93 -5.70 11.59 -1.65
C ARG A 93 -7.12 11.67 -2.19
N GLU A 94 -7.42 12.72 -2.96
CA GLU A 94 -8.77 12.88 -3.51
C GLU A 94 -9.04 11.86 -4.61
N ALA A 95 -8.04 11.50 -5.41
CA ALA A 95 -8.30 10.45 -6.38
C ALA A 95 -8.49 9.11 -5.68
N SER A 96 -7.69 8.85 -4.65
CA SER A 96 -7.84 7.61 -3.89
C SER A 96 -9.25 7.45 -3.34
N VAL A 97 -9.84 8.54 -2.85
CA VAL A 97 -11.20 8.49 -2.33
C VAL A 97 -12.21 8.25 -3.45
N GLU A 98 -12.00 8.83 -4.64
CA GLU A 98 -12.81 8.42 -5.80
C GLU A 98 -12.88 6.90 -5.87
N VAL A 99 -11.73 6.23 -5.75
CA VAL A 99 -11.65 4.82 -6.07
C VAL A 99 -12.27 3.97 -4.97
N MET A 100 -11.90 4.25 -3.71
CA MET A 100 -12.42 3.46 -2.59
C MET A 100 -13.94 3.54 -2.54
N GLU A 101 -14.51 4.70 -2.87
CA GLU A 101 -15.97 4.82 -2.80
C GLU A 101 -16.62 3.88 -3.81
N ILE A 102 -16.00 3.70 -4.98
CA ILE A 102 -16.51 2.71 -5.94
C ILE A 102 -16.34 1.30 -5.40
N MET A 103 -15.14 0.98 -4.91
CA MET A 103 -14.90 -0.36 -4.39
C MET A 103 -15.90 -0.71 -3.29
N SER A 104 -16.25 0.25 -2.46
CA SER A 104 -17.14 -0.02 -1.35
C SER A 104 -18.56 -0.36 -1.79
N ARG A 105 -18.91 -0.15 -3.06
CA ARG A 105 -20.23 -0.57 -3.54
C ARG A 105 -20.30 -2.08 -3.71
N PHE A 106 -19.14 -2.73 -3.86
CA PHE A 106 -19.11 -4.16 -4.13
C PHE A 106 -18.94 -4.98 -2.86
N ALA A 107 -18.02 -4.59 -2.00
CA ALA A 107 -17.72 -5.37 -0.80
C ALA A 107 -17.18 -4.42 0.27
N VAL A 108 -16.88 -4.99 1.44
CA VAL A 108 -16.30 -4.18 2.51
C VAL A 108 -14.79 -4.08 2.27
N ILE A 109 -14.23 -2.89 2.43
CA ILE A 109 -12.85 -2.66 2.02
C ILE A 109 -12.06 -2.07 3.18
N GLU A 110 -10.85 -2.62 3.36
CA GLU A 110 -9.83 -2.04 4.24
C GLU A 110 -8.86 -1.24 3.40
N ARG A 111 -8.79 0.06 3.66
CA ARG A 111 -7.80 0.90 3.01
C ARG A 111 -6.42 0.60 3.55
N ALA A 112 -5.52 0.09 2.69
CA ALA A 112 -4.19 -0.29 3.14
C ALA A 112 -3.15 0.79 2.94
N SER A 113 -3.36 1.69 1.99
CA SER A 113 -2.48 2.82 1.72
C SER A 113 -3.24 3.72 0.75
N ILE A 114 -2.62 4.82 0.36
CA ILE A 114 -3.25 5.73 -0.57
C ILE A 114 -3.64 5.05 -1.89
N ASP A 115 -3.01 3.94 -2.26
CA ASP A 115 -3.27 3.31 -3.56
C ASP A 115 -3.67 1.84 -3.48
N GLU A 116 -3.85 1.25 -2.30
CA GLU A 116 -4.31 -0.11 -2.29
C GLU A 116 -5.31 -0.33 -1.17
N ALA A 117 -6.14 -1.34 -1.38
CA ALA A 117 -7.22 -1.67 -0.47
C ALA A 117 -7.34 -3.18 -0.48
N TYR A 118 -7.59 -3.76 0.69
CA TYR A 118 -8.04 -5.13 0.72
C TYR A 118 -9.57 -5.16 0.64
N VAL A 119 -10.09 -6.29 0.18
CA VAL A 119 -11.51 -6.46 -0.12
C VAL A 119 -11.92 -7.82 0.41
N ASP A 120 -12.93 -7.85 1.26
CA ASP A 120 -13.49 -9.10 1.75
C ASP A 120 -14.73 -9.41 0.92
N LEU A 121 -14.64 -10.44 0.08
CA LEU A 121 -15.66 -10.81 -0.88
C LEU A 121 -16.46 -12.02 -0.46
N THR A 122 -16.21 -12.55 0.74
CA THR A 122 -16.86 -13.77 1.19
C THR A 122 -18.38 -13.67 1.07
N SER A 123 -18.95 -12.61 1.65
CA SER A 123 -20.41 -12.45 1.61
C SER A 123 -20.89 -12.17 0.19
N ALA A 124 -20.17 -11.32 -0.55
CA ALA A 124 -20.58 -11.03 -1.91
C ALA A 124 -20.58 -12.30 -2.78
N VAL A 125 -19.58 -13.16 -2.59
CA VAL A 125 -19.51 -14.42 -3.33
C VAL A 125 -20.74 -15.29 -3.05
N GLN A 126 -21.07 -15.46 -1.77
CA GLN A 126 -22.20 -16.31 -1.39
C GLN A 126 -23.47 -15.94 -2.15
N GLU A 127 -23.74 -14.63 -2.29
CA GLU A 127 -24.97 -14.21 -2.93
C GLU A 127 -24.93 -14.44 -4.43
N ARG A 128 -23.81 -14.09 -5.07
CA ARG A 128 -23.66 -14.39 -6.48
C ARG A 128 -23.79 -15.89 -6.76
N LEU A 129 -23.37 -16.74 -5.82
CA LEU A 129 -23.43 -18.18 -6.02
C LEU A 129 -24.86 -18.69 -6.06
N GLN A 130 -25.77 -18.06 -5.32
CA GLN A 130 -27.16 -18.51 -5.32
C GLN A 130 -27.95 -17.93 -6.48
N LYS A 131 -27.61 -16.73 -6.95
CA LYS A 131 -28.26 -16.22 -8.14
C LYS A 131 -27.81 -16.95 -9.40
N LEU A 132 -26.74 -17.75 -9.30
CA LEU A 132 -26.16 -18.41 -10.46
C LEU A 132 -26.77 -19.79 -10.71
N GLN A 133 -27.90 -20.11 -10.08
CA GLN A 133 -28.64 -21.35 -10.37
C GLN A 133 -27.79 -22.59 -10.16
N GLY A 134 -26.66 -22.64 -10.84
CA GLY A 134 -25.76 -23.78 -10.83
C GLY A 134 -25.08 -23.85 -12.18
N GLN A 135 -25.15 -22.69 -12.94
CA GLN A 135 -24.73 -22.55 -14.34
C GLN A 135 -23.24 -22.24 -14.43
N PRO A 136 -22.59 -22.77 -15.45
CA PRO A 136 -21.13 -22.67 -15.52
C PRO A 136 -20.69 -21.22 -15.64
N ILE A 137 -19.44 -21.01 -15.27
CA ILE A 137 -18.80 -19.70 -15.37
C ILE A 137 -18.03 -19.66 -16.68
N SER A 138 -18.43 -18.76 -17.55
CA SER A 138 -17.80 -18.61 -18.86
C SER A 138 -16.43 -17.91 -18.74
N ALA A 139 -15.49 -18.33 -19.60
CA ALA A 139 -14.21 -17.65 -19.68
C ALA A 139 -14.38 -16.16 -19.98
N ASP A 140 -15.50 -15.80 -20.60
CA ASP A 140 -15.80 -14.41 -20.92
C ASP A 140 -16.01 -13.57 -19.68
N LEU A 141 -16.39 -14.18 -18.55
CA LEU A 141 -16.53 -13.43 -17.31
C LEU A 141 -15.17 -13.05 -16.71
N LEU A 142 -14.08 -13.64 -17.18
CA LEU A 142 -12.75 -13.44 -16.59
C LEU A 142 -11.74 -12.98 -17.63
N PRO A 143 -11.98 -11.84 -18.29
CA PRO A 143 -11.17 -11.48 -19.47
C PRO A 143 -9.75 -11.03 -19.14
N SER A 144 -9.44 -10.76 -17.88
CA SER A 144 -8.10 -10.29 -17.52
C SER A 144 -7.52 -11.08 -16.34
N THR A 145 -8.04 -12.28 -16.07
CA THR A 145 -7.66 -13.08 -14.92
C THR A 145 -6.62 -14.14 -15.29
N TYR A 146 -5.61 -14.29 -14.43
CA TYR A 146 -4.58 -15.34 -14.54
C TYR A 146 -4.77 -16.31 -13.39
N ILE A 147 -4.66 -17.60 -13.69
CA ILE A 147 -4.74 -18.64 -12.67
C ILE A 147 -3.31 -19.09 -12.38
N GLU A 148 -2.81 -18.71 -11.21
CA GLU A 148 -1.43 -19.04 -10.88
C GLU A 148 -1.21 -20.55 -10.93
N GLY A 149 -0.12 -20.97 -11.56
CA GLY A 149 0.25 -22.35 -11.69
C GLY A 149 -0.32 -23.06 -12.90
N LEU A 150 -1.18 -22.40 -13.65
CA LEU A 150 -1.74 -22.91 -14.89
C LEU A 150 -1.31 -22.02 -16.07
N PRO A 151 -1.23 -22.58 -17.28
CA PRO A 151 -1.44 -23.99 -17.62
C PRO A 151 -0.27 -24.87 -17.19
N GLN A 152 -0.55 -26.15 -16.96
CA GLN A 152 0.49 -27.14 -16.77
C GLN A 152 0.18 -28.37 -17.61
N GLY A 153 1.16 -29.25 -17.74
CA GLY A 153 0.95 -30.57 -18.30
C GLY A 153 1.07 -30.68 -19.81
N PRO A 154 0.85 -31.91 -20.32
CA PRO A 154 0.90 -32.27 -21.74
C PRO A 154 -0.30 -31.77 -22.55
N THR A 160 1.51 -22.45 -26.27
CA THR A 160 1.41 -21.22 -27.05
C THR A 160 2.49 -20.24 -26.62
N VAL A 161 2.94 -19.41 -27.56
CA VAL A 161 4.16 -18.65 -27.36
C VAL A 161 3.88 -17.18 -27.04
N GLN A 162 2.60 -16.79 -26.91
CA GLN A 162 2.22 -15.42 -26.59
C GLN A 162 1.49 -15.36 -25.25
N LYS A 163 1.71 -14.25 -24.53
CA LYS A 163 1.26 -14.13 -23.13
C LYS A 163 -0.24 -14.38 -23.00
N GLU A 164 -1.03 -13.75 -23.86
CA GLU A 164 -2.47 -13.92 -23.80
C GLU A 164 -2.88 -15.35 -24.10
N GLY A 165 -2.11 -16.06 -24.94
CA GLY A 165 -2.42 -17.46 -25.18
C GLY A 165 -2.25 -18.29 -23.93
N MET A 166 -1.18 -18.05 -23.18
CA MET A 166 -0.96 -18.73 -21.91
C MET A 166 -2.08 -18.45 -20.91
N ARG A 167 -2.47 -17.18 -20.75
CA ARG A 167 -3.52 -16.85 -19.78
C ARG A 167 -4.78 -17.65 -20.05
N LYS A 168 -5.25 -17.59 -21.30
CA LYS A 168 -6.45 -18.31 -21.73
C LYS A 168 -6.35 -19.80 -21.48
N GLN A 169 -5.22 -20.42 -21.87
CA GLN A 169 -5.09 -21.86 -21.67
C GLN A 169 -5.17 -22.21 -20.20
N GLY A 170 -4.51 -21.41 -19.35
CA GLY A 170 -4.60 -21.64 -17.92
C GLY A 170 -6.03 -21.48 -17.43
N LEU A 171 -6.72 -20.46 -17.91
CA LEU A 171 -8.09 -20.21 -17.49
C LEU A 171 -9.01 -21.33 -17.97
N PHE A 172 -8.87 -21.74 -19.23
CA PHE A 172 -9.62 -22.90 -19.73
C PHE A 172 -9.42 -24.12 -18.85
N GLN A 173 -8.16 -24.49 -18.58
CA GLN A 173 -7.90 -25.67 -17.75
C GLN A 173 -8.56 -25.52 -16.38
N TRP A 174 -8.49 -24.31 -15.80
CA TRP A 174 -9.14 -24.08 -14.50
C TRP A 174 -10.65 -24.29 -14.59
N LEU A 175 -11.30 -23.62 -15.55
CA LEU A 175 -12.76 -23.64 -15.63
C LEU A 175 -13.28 -25.01 -16.04
N ASP A 176 -12.55 -25.71 -16.91
CA ASP A 176 -12.97 -27.05 -17.35
C ASP A 176 -13.08 -28.01 -16.17
N SER A 177 -12.26 -27.85 -15.14
CA SER A 177 -12.32 -28.77 -14.00
C SER A 177 -13.11 -28.23 -12.83
N LEU A 178 -13.57 -26.98 -12.88
CA LEU A 178 -14.41 -26.46 -11.81
C LEU A 178 -15.66 -27.33 -11.59
N GLN A 179 -15.88 -27.75 -10.34
CA GLN A 179 -17.08 -28.50 -9.93
C GLN A 179 -18.14 -27.51 -9.45
N ILE A 180 -18.96 -27.06 -10.41
CA ILE A 180 -19.90 -25.98 -10.15
C ILE A 180 -21.11 -26.46 -9.36
N ASP A 181 -21.33 -27.78 -9.31
CA ASP A 181 -22.41 -28.39 -8.57
C ASP A 181 -22.20 -28.38 -7.06
N ASN A 182 -21.05 -27.91 -6.57
CA ASN A 182 -20.71 -27.86 -5.14
C ASN A 182 -20.54 -26.39 -4.77
N LEU A 183 -21.60 -25.78 -4.17
CA LEU A 183 -21.65 -24.38 -3.71
C LEU A 183 -20.69 -24.09 -2.48
N THR A 184 -19.89 -25.07 -2.05
CA THR A 184 -18.96 -24.92 -0.94
C THR A 184 -17.51 -25.22 -1.28
N SER A 185 -17.18 -25.61 -2.51
CA SER A 185 -15.77 -25.76 -2.88
C SER A 185 -15.09 -24.40 -2.81
N PRO A 186 -13.97 -24.29 -2.08
CA PRO A 186 -13.23 -23.02 -2.04
C PRO A 186 -12.77 -22.52 -3.40
N ASP A 187 -12.42 -23.42 -4.33
CA ASP A 187 -11.98 -23.00 -5.66
C ASP A 187 -13.09 -22.31 -6.42
N LEU A 188 -14.31 -22.86 -6.36
CA LEU A 188 -15.46 -22.18 -6.94
C LEU A 188 -15.64 -20.79 -6.34
N GLN A 189 -15.45 -20.66 -5.03
CA GLN A 189 -15.66 -19.38 -4.37
C GLN A 189 -14.63 -18.35 -4.83
N LEU A 190 -13.34 -18.74 -4.86
CA LEU A 190 -12.31 -17.90 -5.46
C LEU A 190 -12.72 -17.44 -6.85
N THR A 191 -13.20 -18.38 -7.67
CA THR A 191 -13.50 -18.07 -9.06
C THR A 191 -14.58 -17.01 -9.14
N VAL A 192 -15.64 -17.18 -8.35
CA VAL A 192 -16.68 -16.15 -8.25
C VAL A 192 -16.11 -14.87 -7.66
N GLY A 193 -15.26 -14.98 -6.65
CA GLY A 193 -14.52 -13.81 -6.20
C GLY A 193 -13.85 -13.08 -7.35
N ALA A 194 -13.22 -13.83 -8.26
CA ALA A 194 -12.48 -13.24 -9.36
C ALA A 194 -13.42 -12.52 -10.33
N VAL A 195 -14.57 -13.13 -10.60
CA VAL A 195 -15.58 -12.50 -11.46
C VAL A 195 -16.00 -11.15 -10.87
N ILE A 196 -16.30 -11.11 -9.57
CA ILE A 196 -16.67 -9.84 -8.93
C ILE A 196 -15.54 -8.81 -9.04
N VAL A 197 -14.28 -9.25 -8.96
CA VAL A 197 -13.19 -8.28 -9.03
C VAL A 197 -13.00 -7.75 -10.46
N GLU A 198 -13.21 -8.60 -11.48
CA GLU A 198 -13.29 -8.10 -12.85
C GLU A 198 -14.33 -6.99 -12.97
N GLU A 199 -15.52 -7.23 -12.41
CA GLU A 199 -16.57 -6.22 -12.41
C GLU A 199 -16.12 -4.97 -11.65
N MET A 200 -15.57 -5.14 -10.46
CA MET A 200 -15.17 -3.98 -9.66
C MET A 200 -14.07 -3.19 -10.37
N ARG A 201 -13.17 -3.89 -11.07
CA ARG A 201 -12.11 -3.17 -11.77
C ARG A 201 -12.63 -2.55 -13.07
N ALA A 202 -13.62 -3.17 -13.69
CA ALA A 202 -14.26 -2.53 -14.84
C ALA A 202 -14.96 -1.25 -14.40
N ALA A 203 -15.59 -1.27 -13.23
CA ALA A 203 -16.30 -0.10 -12.72
C ALA A 203 -15.31 1.03 -12.38
N ILE A 204 -14.20 0.68 -11.74
CA ILE A 204 -13.19 1.69 -11.41
C ILE A 204 -12.69 2.35 -12.67
N GLU A 205 -12.35 1.56 -13.70
CA GLU A 205 -11.84 2.16 -14.92
C GLU A 205 -12.91 2.95 -15.66
N ARG A 206 -14.15 2.45 -15.69
CA ARG A 206 -15.18 3.22 -16.38
C ARG A 206 -15.43 4.55 -15.68
N GLU A 207 -15.46 4.55 -14.34
CA GLU A 207 -15.89 5.73 -13.61
C GLU A 207 -14.75 6.67 -13.22
N THR A 208 -13.50 6.24 -13.30
CA THR A 208 -12.38 7.12 -13.00
C THR A 208 -11.36 7.22 -14.12
N GLY A 209 -11.30 6.23 -15.01
CA GLY A 209 -10.24 6.11 -15.97
C GLY A 209 -8.97 5.46 -15.43
N PHE A 210 -8.97 5.03 -14.17
CA PHE A 210 -7.79 4.41 -13.58
C PHE A 210 -7.79 2.91 -13.84
N GLN A 211 -6.62 2.37 -14.15
CA GLN A 211 -6.47 0.92 -14.23
C GLN A 211 -5.78 0.42 -12.97
N CYS A 212 -5.98 -0.85 -12.67
CA CYS A 212 -5.37 -1.40 -11.48
C CYS A 212 -5.17 -2.90 -11.64
N SER A 213 -4.36 -3.45 -10.76
CA SER A 213 -4.14 -4.89 -10.66
C SER A 213 -4.76 -5.38 -9.37
N ALA A 214 -5.13 -6.66 -9.33
CA ALA A 214 -5.73 -7.25 -8.14
C ALA A 214 -5.22 -8.66 -7.92
N GLY A 215 -5.12 -9.02 -6.65
CA GLY A 215 -4.87 -10.41 -6.24
C GLY A 215 -6.12 -10.94 -5.55
N ILE A 216 -6.49 -12.18 -5.88
CA ILE A 216 -7.66 -12.83 -5.31
C ILE A 216 -7.18 -14.13 -4.68
N SER A 217 -7.43 -14.31 -3.39
CA SER A 217 -7.06 -15.57 -2.75
C SER A 217 -7.87 -15.74 -1.48
N HIS A 218 -7.35 -16.48 -0.51
CA HIS A 218 -8.09 -16.78 0.70
C HIS A 218 -7.72 -15.92 1.90
N ASN A 219 -6.69 -15.08 1.80
CA ASN A 219 -6.27 -14.21 2.89
C ASN A 219 -5.49 -13.03 2.31
N LYS A 220 -5.09 -12.12 3.19
CA LYS A 220 -4.52 -10.85 2.76
C LYS A 220 -3.10 -11.03 2.19
N VAL A 221 -2.28 -11.81 2.89
CA VAL A 221 -0.90 -12.04 2.43
C VAL A 221 -0.90 -12.67 1.03
N LEU A 222 -1.70 -13.71 0.82
CA LEU A 222 -1.74 -14.35 -0.49
C LEU A 222 -2.38 -13.43 -1.54
N ALA A 223 -3.44 -12.72 -1.17
CA ALA A 223 -4.03 -11.74 -2.08
C ALA A 223 -2.98 -10.75 -2.53
N LYS A 224 -2.20 -10.24 -1.58
CA LYS A 224 -1.19 -9.24 -1.90
C LYS A 224 -0.08 -9.83 -2.76
N LEU A 225 0.41 -11.02 -2.40
CA LEU A 225 1.39 -11.69 -3.24
C LEU A 225 0.86 -11.90 -4.65
N ALA A 226 -0.40 -12.35 -4.76
CA ALA A 226 -1.00 -12.65 -6.07
C ALA A 226 -1.06 -11.41 -6.95
N CYS A 227 -1.47 -10.28 -6.36
CA CYS A 227 -1.61 -9.04 -7.12
C CYS A 227 -0.34 -8.69 -7.89
N GLY A 228 0.83 -8.99 -7.33
CA GLY A 228 2.07 -8.58 -7.95
C GLY A 228 2.57 -9.51 -9.04
N LEU A 229 1.83 -10.57 -9.32
CA LEU A 229 2.33 -11.62 -10.20
C LEU A 229 2.10 -11.31 -11.67
N ASN A 230 1.04 -10.56 -12.00
CA ASN A 230 0.70 -10.23 -13.38
C ASN A 230 0.28 -8.76 -13.36
N LYS A 231 1.22 -7.93 -13.46
CA LYS A 231 1.00 -6.50 -13.52
C LYS A 231 1.50 -5.97 -14.85
N PRO A 232 0.92 -4.90 -15.37
CA PRO A 232 -0.19 -4.04 -14.94
C PRO A 232 -1.56 -4.41 -15.53
N ASN A 233 -2.63 -3.85 -14.96
CA ASN A 233 -3.99 -4.01 -15.50
C ASN A 233 -4.40 -5.48 -15.62
N ARG A 234 -3.92 -6.35 -14.72
CA ARG A 234 -4.33 -7.75 -14.71
C ARG A 234 -4.65 -8.18 -13.28
N GLN A 235 -5.35 -9.31 -13.16
CA GLN A 235 -5.61 -9.86 -11.83
C GLN A 235 -5.27 -11.34 -11.80
N THR A 236 -4.86 -11.84 -10.63
CA THR A 236 -4.36 -13.20 -10.50
C THR A 236 -5.07 -13.91 -9.36
N LEU A 237 -5.52 -15.13 -9.64
CA LEU A 237 -6.17 -15.99 -8.67
C LEU A 237 -5.15 -17.01 -8.14
N VAL A 238 -4.87 -16.94 -6.84
CA VAL A 238 -3.96 -17.87 -6.18
C VAL A 238 -4.84 -18.74 -5.30
N SER A 239 -5.02 -19.99 -5.73
CA SER A 239 -5.83 -20.93 -4.98
C SER A 239 -5.00 -21.56 -3.87
N HIS A 240 -5.71 -22.19 -2.94
CA HIS A 240 -5.01 -22.90 -1.86
C HIS A 240 -4.08 -23.94 -2.46
N GLY A 241 -4.55 -24.67 -3.48
CA GLY A 241 -3.78 -25.75 -4.07
C GLY A 241 -2.49 -25.29 -4.74
N SER A 242 -2.45 -24.04 -5.20
CA SER A 242 -1.27 -23.52 -5.88
C SER A 242 -0.14 -23.18 -4.92
N VAL A 243 -0.40 -23.19 -3.61
CA VAL A 243 0.56 -22.65 -2.64
C VAL A 243 1.85 -23.46 -2.54
N PRO A 244 1.82 -24.80 -2.47
CA PRO A 244 3.12 -25.52 -2.37
C PRO A 244 4.08 -25.21 -3.51
N GLN A 245 3.63 -25.19 -4.76
CA GLN A 245 4.58 -24.89 -5.82
C GLN A 245 4.93 -23.41 -5.84
N LEU A 246 3.96 -22.55 -5.57
CA LEU A 246 4.25 -21.12 -5.55
C LEU A 246 5.33 -20.81 -4.53
N PHE A 247 5.18 -21.38 -3.34
CA PHE A 247 6.11 -21.08 -2.25
C PHE A 247 7.42 -21.82 -2.38
N SER A 248 7.50 -22.87 -3.21
CA SER A 248 8.71 -23.70 -3.24
C SER A 248 9.94 -22.92 -3.71
N GLN A 249 9.75 -21.89 -4.55
CA GLN A 249 10.82 -21.00 -5.01
C GLN A 249 10.56 -19.53 -4.66
N MET A 250 9.69 -19.26 -3.71
CA MET A 250 9.32 -17.87 -3.47
C MET A 250 10.21 -17.34 -2.37
N PRO A 251 11.06 -16.35 -2.65
CA PRO A 251 11.94 -15.83 -1.60
C PRO A 251 11.14 -15.35 -0.41
N ILE A 252 11.68 -15.60 0.77
CA ILE A 252 10.99 -15.28 2.00
C ILE A 252 10.62 -13.80 2.04
N ARG A 253 11.51 -12.93 1.53
CA ARG A 253 11.31 -11.50 1.66
C ARG A 253 10.17 -10.96 0.83
N LYS A 254 9.57 -11.78 -0.06
CA LYS A 254 8.44 -11.34 -0.88
C LYS A 254 7.12 -11.37 -0.13
N ILE A 255 7.05 -12.06 1.03
CA ILE A 255 5.79 -12.20 1.76
C ILE A 255 5.63 -10.99 2.67
N ARG A 256 4.42 -10.44 2.71
CA ARG A 256 4.17 -9.23 3.47
C ARG A 256 4.56 -9.42 4.93
N SER A 257 5.38 -8.50 5.42
CA SER A 257 5.91 -8.36 6.76
C SER A 257 7.25 -9.09 6.94
N LEU A 258 7.70 -9.88 5.97
CA LEU A 258 9.01 -10.54 6.06
C LEU A 258 10.07 -9.84 5.21
N GLY A 259 9.78 -8.65 4.70
CA GLY A 259 10.71 -7.92 3.85
C GLY A 259 11.83 -7.21 4.57
N GLY A 260 11.91 -7.33 5.89
CA GLY A 260 12.82 -6.53 6.70
C GLY A 260 13.68 -7.40 7.59
N LYS A 261 13.86 -6.93 8.83
CA LYS A 261 14.77 -7.58 9.76
C LYS A 261 14.28 -8.99 10.15
N LEU A 262 12.99 -9.14 10.43
CA LEU A 262 12.47 -10.46 10.80
C LEU A 262 12.68 -11.46 9.67
N GLY A 263 12.35 -11.08 8.44
CA GLY A 263 12.62 -11.98 7.31
C GLY A 263 14.10 -12.33 7.18
N ALA A 264 14.97 -11.33 7.35
CA ALA A 264 16.41 -11.57 7.30
C ALA A 264 16.83 -12.56 8.38
N SER A 265 16.25 -12.47 9.57
CA SER A 265 16.69 -13.37 10.62
C SER A 265 16.06 -14.75 10.46
N VAL A 266 14.85 -14.83 9.88
CA VAL A 266 14.31 -16.14 9.48
C VAL A 266 15.27 -16.83 8.52
N ILE A 267 15.79 -16.09 7.55
CA ILE A 267 16.71 -16.67 6.56
C ILE A 267 18.00 -17.15 7.23
N GLU A 268 18.61 -16.29 8.06
CA GLU A 268 19.90 -16.57 8.67
C GLU A 268 19.81 -17.68 9.71
N ILE A 269 18.88 -17.55 10.65
CA ILE A 269 18.83 -18.51 11.74
C ILE A 269 18.49 -19.89 11.21
N LEU A 270 17.56 -19.97 10.27
CA LEU A 270 17.10 -21.26 9.80
C LEU A 270 17.91 -21.83 8.65
N GLY A 271 18.68 -21.00 7.94
CA GLY A 271 19.45 -21.46 6.79
C GLY A 271 18.62 -21.78 5.57
N ILE A 272 17.57 -20.99 5.30
CA ILE A 272 16.65 -21.23 4.19
C ILE A 272 16.57 -19.97 3.32
N GLU A 273 16.03 -20.14 2.12
CA GLU A 273 15.81 -19.04 1.19
C GLU A 273 14.35 -18.86 0.79
N TYR A 274 13.55 -19.91 0.76
CA TYR A 274 12.23 -19.86 0.15
C TYR A 274 11.14 -20.14 1.17
N MET A 275 9.96 -19.58 0.90
CA MET A 275 8.87 -19.61 1.87
C MET A 275 8.50 -21.05 2.23
N GLY A 276 8.57 -21.96 1.25
CA GLY A 276 8.08 -23.31 1.47
C GLY A 276 8.98 -24.16 2.34
N GLU A 277 10.28 -23.83 2.37
CA GLU A 277 11.19 -24.47 3.30
C GLU A 277 10.76 -24.30 4.76
N LEU A 278 9.92 -23.31 5.07
CA LEU A 278 9.45 -23.18 6.45
C LEU A 278 8.63 -24.39 6.92
N THR A 279 8.05 -25.19 6.01
CA THR A 279 7.14 -26.24 6.45
C THR A 279 7.83 -27.38 7.19
N GLN A 280 9.16 -27.52 7.11
CA GLN A 280 9.77 -28.66 7.79
C GLN A 280 9.99 -28.42 9.26
N PHE A 281 9.64 -27.26 9.79
CA PHE A 281 9.87 -26.91 11.19
C PHE A 281 8.57 -27.01 11.98
N THR A 282 8.67 -27.50 13.21
CA THR A 282 7.49 -27.54 14.05
C THR A 282 7.13 -26.12 14.49
N GLU A 283 5.89 -25.95 14.94
CA GLU A 283 5.47 -24.64 15.42
C GLU A 283 6.27 -24.23 16.66
N SER A 284 6.45 -25.16 17.61
CA SER A 284 7.32 -24.89 18.76
C SER A 284 8.69 -24.39 18.32
N GLN A 285 9.30 -25.04 17.30
CA GLN A 285 10.61 -24.60 16.83
C GLN A 285 10.56 -23.15 16.34
N LEU A 286 9.59 -22.83 15.49
CA LEU A 286 9.50 -21.46 15.00
C LEU A 286 9.28 -20.48 16.14
N GLN A 287 8.43 -20.84 17.09
CA GLN A 287 8.16 -19.91 18.20
C GLN A 287 9.43 -19.65 19.01
N SER A 288 10.21 -20.70 19.29
CA SER A 288 11.42 -20.54 20.08
C SER A 288 12.38 -19.55 19.44
N HIS A 289 12.44 -19.51 18.11
CA HIS A 289 13.37 -18.60 17.44
C HIS A 289 12.83 -17.19 17.28
N PHE A 290 11.50 -17.04 17.14
CA PHE A 290 10.93 -15.78 16.67
C PHE A 290 9.80 -15.28 17.56
N GLY A 291 9.50 -15.98 18.63
CA GLY A 291 8.42 -15.53 19.49
C GLY A 291 7.14 -16.29 19.21
N GLU A 292 6.31 -16.37 20.25
CA GLU A 292 5.03 -17.08 20.18
C GLU A 292 4.19 -16.61 19.00
N LYS A 293 4.02 -15.30 18.84
CA LYS A 293 3.16 -14.80 17.76
C LYS A 293 3.79 -15.02 16.39
N ASN A 294 5.05 -14.62 16.23
CA ASN A 294 5.69 -14.74 14.93
C ASN A 294 5.79 -16.21 14.51
N GLY A 295 6.15 -17.08 15.44
CA GLY A 295 6.32 -18.49 15.09
C GLY A 295 5.01 -19.15 14.69
N SER A 296 3.94 -18.91 15.46
CA SER A 296 2.59 -19.31 15.05
C SER A 296 2.25 -18.74 13.68
N TRP A 297 2.56 -17.46 13.46
CA TRP A 297 2.23 -16.83 12.20
C TRP A 297 2.96 -17.51 11.05
N LEU A 298 4.24 -17.81 11.26
CA LEU A 298 5.05 -18.42 10.20
C LEU A 298 4.60 -19.85 9.94
N TYR A 299 4.33 -20.61 10.99
CA TYR A 299 3.88 -21.99 10.84
C TYR A 299 2.66 -22.06 9.92
N ALA A 300 1.67 -21.21 10.15
CA ALA A 300 0.46 -21.23 9.33
C ALA A 300 0.73 -20.63 7.95
N MET A 301 1.52 -19.56 7.88
CA MET A 301 1.67 -18.82 6.64
C MET A 301 2.37 -19.65 5.56
N CYS A 302 3.39 -20.42 5.93
CA CYS A 302 4.08 -21.22 4.91
C CYS A 302 3.21 -22.35 4.38
N ARG A 303 2.09 -22.63 5.04
CA ARG A 303 1.06 -23.52 4.53
C ARG A 303 -0.09 -22.76 3.85
N GLY A 304 0.08 -21.46 3.59
CA GLY A 304 -0.93 -20.68 2.90
C GLY A 304 -2.09 -20.23 3.77
N ILE A 305 -1.91 -20.24 5.09
CA ILE A 305 -2.99 -19.96 6.04
C ILE A 305 -2.62 -18.72 6.82
N GLU A 306 -3.54 -17.77 6.89
CA GLU A 306 -3.39 -16.50 7.60
C GLU A 306 -4.79 -15.98 7.92
N HIS A 307 -4.97 -15.41 9.11
CA HIS A 307 -6.30 -15.08 9.59
C HIS A 307 -6.50 -13.59 9.86
N ASP A 308 -5.49 -12.76 9.57
CA ASP A 308 -5.66 -11.33 9.72
C ASP A 308 -6.95 -10.90 9.00
N PRO A 309 -7.86 -10.22 9.69
CA PRO A 309 -9.13 -9.84 9.05
C PRO A 309 -9.04 -8.60 8.17
N VAL A 310 -9.86 -8.60 7.13
CA VAL A 310 -10.05 -7.36 6.39
C VAL A 310 -10.84 -6.42 7.31
N LYS A 311 -10.21 -5.38 7.76
CA LYS A 311 -10.89 -4.51 8.70
C LYS A 311 -11.78 -3.54 7.93
N PRO A 312 -12.99 -3.37 8.36
CA PRO A 312 -13.89 -2.46 7.64
C PRO A 312 -13.50 -1.02 7.94
N ARG A 313 -12.47 -0.52 7.28
CA ARG A 313 -11.90 0.79 7.58
C ARG A 313 -11.46 1.43 6.28
N GLN A 314 -12.19 2.45 5.86
CA GLN A 314 -11.91 3.12 4.62
C GLN A 314 -11.25 4.48 4.85
N LEU A 315 -10.99 4.85 6.11
CA LEU A 315 -10.43 6.14 6.44
C LEU A 315 -9.17 5.98 7.30
N PRO A 316 -8.15 6.79 7.09
CA PRO A 316 -6.95 6.71 7.93
C PRO A 316 -7.28 6.96 9.40
N LYS A 317 -6.46 6.38 10.28
CA LYS A 317 -6.58 6.55 11.73
C LYS A 317 -5.83 7.76 12.25
N THR A 318 -4.87 8.26 11.48
CA THR A 318 -4.02 9.36 11.86
C THR A 318 -3.90 10.27 10.66
N ILE A 319 -3.74 11.56 10.91
CA ILE A 319 -3.51 12.55 9.86
C ILE A 319 -2.20 13.25 10.21
N GLY A 320 -1.25 13.22 9.28
CA GLY A 320 0.12 13.52 9.62
C GLY A 320 0.78 14.42 8.59
N CYS A 321 1.74 15.19 9.06
CA CYS A 321 2.42 16.20 8.28
C CYS A 321 3.88 16.20 8.72
N SER A 322 4.79 15.93 7.79
CA SER A 322 6.22 15.90 8.10
C SER A 322 7.01 16.49 6.95
N LYS A 323 8.17 17.06 7.29
CA LYS A 323 9.14 17.50 6.30
C LYS A 323 10.55 17.19 6.80
N ASN A 324 11.41 16.76 5.89
CA ASN A 324 12.79 16.50 6.25
C ASN A 324 13.66 17.69 5.89
N PHE A 325 14.69 17.90 6.71
CA PHE A 325 15.65 19.00 6.52
C PHE A 325 17.05 18.39 6.52
N PRO A 326 17.40 17.66 5.46
CA PRO A 326 18.68 16.95 5.45
C PRO A 326 19.83 17.90 5.14
N GLY A 327 21.02 17.45 5.54
CA GLY A 327 22.25 18.13 5.17
C GLY A 327 22.36 19.51 5.80
N LYS A 328 22.95 20.43 5.03
CA LYS A 328 23.15 21.79 5.52
C LYS A 328 21.84 22.53 5.77
N THR A 329 20.71 21.96 5.35
CA THR A 329 19.42 22.60 5.53
C THR A 329 18.78 22.32 6.89
N ALA A 330 19.50 21.69 7.82
CA ALA A 330 18.92 21.39 9.12
C ALA A 330 18.61 22.68 9.88
N LEU A 331 17.46 22.71 10.55
CA LEU A 331 17.06 23.92 11.25
C LEU A 331 17.97 24.18 12.45
N ALA A 332 18.53 25.40 12.49
CA ALA A 332 19.56 25.74 13.45
C ALA A 332 19.17 26.86 14.40
N THR A 333 18.12 27.60 14.10
CA THR A 333 17.68 28.73 14.90
C THR A 333 16.27 28.47 15.41
N ARG A 334 15.93 29.16 16.49
CA ARG A 334 14.61 28.96 17.11
C ARG A 334 13.50 29.34 16.13
N GLU A 335 13.51 30.58 15.65
CA GLU A 335 12.43 31.09 14.82
C GLU A 335 12.29 30.32 13.52
N GLN A 336 13.37 29.69 13.04
CA GLN A 336 13.27 28.75 11.94
C GLN A 336 12.41 27.55 12.32
N VAL A 337 12.62 27.01 13.53
CA VAL A 337 11.84 25.85 13.94
C VAL A 337 10.39 26.23 14.14
N GLN A 338 10.16 27.44 14.67
CA GLN A 338 8.79 27.92 14.82
C GLN A 338 8.11 28.04 13.48
N TRP A 339 8.79 28.67 12.50
CA TRP A 339 8.15 28.97 11.23
C TRP A 339 7.71 27.70 10.50
N TRP A 340 8.51 26.63 10.58
CA TRP A 340 8.17 25.38 9.90
C TRP A 340 7.08 24.61 10.65
N LEU A 341 7.14 24.57 11.98
CA LEU A 341 6.03 23.99 12.73
C LEU A 341 4.73 24.66 12.32
N LEU A 342 4.77 26.00 12.21
CA LEU A 342 3.61 26.74 11.74
C LEU A 342 3.19 26.31 10.33
N GLN A 343 4.16 26.12 9.42
CA GLN A 343 3.83 25.58 8.10
C GLN A 343 3.20 24.20 8.21
N LEU A 344 3.79 23.32 9.02
CA LEU A 344 3.20 22.01 9.22
C LEU A 344 1.82 22.13 9.86
N ALA A 345 1.70 22.97 10.90
CA ALA A 345 0.42 23.11 11.57
C ALA A 345 -0.66 23.64 10.64
N GLN A 346 -0.27 24.48 9.67
CA GLN A 346 -1.27 25.06 8.77
C GLN A 346 -1.83 24.01 7.80
N GLU A 347 -0.96 23.20 7.18
CA GLU A 347 -1.49 22.14 6.32
C GLU A 347 -2.35 21.19 7.13
N LEU A 348 -1.92 20.86 8.34
CA LEU A 348 -2.68 19.95 9.19
C LEU A 348 -4.07 20.51 9.47
N GLU A 349 -4.16 21.80 9.80
CA GLU A 349 -5.47 22.41 10.02
C GLU A 349 -6.36 22.31 8.79
N GLU A 350 -5.81 22.66 7.63
CA GLU A 350 -6.55 22.52 6.38
C GLU A 350 -7.10 21.11 6.25
N ARG A 351 -6.24 20.11 6.42
CA ARG A 351 -6.68 18.72 6.27
C ARG A 351 -7.59 18.26 7.41
N LEU A 352 -7.36 18.71 8.65
CA LEU A 352 -8.25 18.33 9.73
C LEU A 352 -9.66 18.89 9.53
N THR A 353 -9.76 20.11 9.02
CA THR A 353 -11.09 20.71 8.86
C THR A 353 -11.90 19.97 7.81
N LYS A 354 -11.27 19.66 6.67
CA LYS A 354 -11.91 18.87 5.64
C LYS A 354 -12.33 17.50 6.20
N ASP A 355 -11.51 16.93 7.07
CA ASP A 355 -11.84 15.63 7.66
C ASP A 355 -13.07 15.73 8.57
N ARG A 356 -13.09 16.72 9.48
CA ARG A 356 -14.25 16.89 10.36
C ARG A 356 -15.54 17.08 9.57
N ASN A 357 -15.48 17.76 8.42
CA ASN A 357 -16.68 18.02 7.63
C ASN A 357 -17.08 16.84 6.77
N ASP A 358 -16.11 16.12 6.20
CA ASP A 358 -16.44 15.01 5.32
C ASP A 358 -16.82 13.77 6.11
N ASN A 359 -16.20 13.53 7.26
CA ASN A 359 -16.24 12.23 7.90
C ASN A 359 -16.73 12.24 9.35
N ASP A 360 -17.20 13.37 9.88
CA ASP A 360 -17.92 13.41 11.16
C ASP A 360 -17.07 12.85 12.30
N ARG A 361 -15.93 13.51 12.55
CA ARG A 361 -15.04 13.12 13.63
C ARG A 361 -14.05 14.23 13.88
N VAL A 362 -13.57 14.32 15.14
CA VAL A 362 -12.51 15.23 15.53
C VAL A 362 -11.37 14.44 16.19
N ALA A 363 -10.13 14.81 15.86
CA ALA A 363 -8.97 14.28 16.56
C ALA A 363 -8.79 15.01 17.90
N THR A 364 -8.15 14.33 18.85
CA THR A 364 -8.00 14.88 20.19
C THR A 364 -6.58 14.84 20.73
N GLN A 365 -5.61 14.38 19.97
CA GLN A 365 -4.25 14.31 20.47
C GLN A 365 -3.30 14.73 19.36
N LEU A 366 -2.27 15.50 19.73
CA LEU A 366 -1.30 16.01 18.78
C LEU A 366 0.03 15.35 19.08
N VAL A 367 0.61 14.70 18.08
CA VAL A 367 1.90 14.06 18.21
C VAL A 367 2.94 14.91 17.50
N VAL A 368 4.03 15.21 18.21
CA VAL A 368 5.12 16.04 17.70
C VAL A 368 6.39 15.19 17.71
N SER A 369 7.03 15.07 16.56
CA SER A 369 8.25 14.29 16.46
C SER A 369 9.32 15.07 15.72
N ILE A 370 10.53 15.00 16.23
CA ILE A 370 11.66 15.70 15.63
C ILE A 370 12.81 14.72 15.49
N ARG A 371 13.74 15.08 14.61
CA ARG A 371 14.98 14.35 14.40
C ARG A 371 16.13 15.33 14.53
N VAL A 372 17.18 14.90 15.20
CA VAL A 372 18.37 15.72 15.41
C VAL A 372 19.49 15.21 14.53
N GLN A 373 20.21 16.13 13.91
CA GLN A 373 21.37 15.79 13.10
C GLN A 373 22.37 14.95 13.88
N GLY A 374 22.70 13.78 13.34
CA GLY A 374 23.63 12.86 13.98
C GLY A 374 22.96 11.63 14.55
N ASP A 375 21.66 11.67 14.79
CA ASP A 375 20.92 10.49 15.22
C ASP A 375 20.70 9.56 14.03
N LYS A 376 20.26 8.34 14.33
CA LYS A 376 20.34 7.24 13.36
C LYS A 376 19.01 6.89 12.74
N ARG A 377 17.90 7.18 13.41
CA ARG A 377 16.63 6.52 13.17
C ARG A 377 15.58 7.50 12.68
N LEU A 378 14.57 6.96 11.97
CA LEU A 378 13.47 7.75 11.43
C LEU A 378 13.09 8.88 12.39
N SER A 379 12.77 8.52 13.63
CA SER A 379 12.44 9.50 14.66
C SER A 379 13.50 9.46 15.76
N SER A 380 13.87 10.64 16.24
CA SER A 380 14.69 10.77 17.44
C SER A 380 13.83 10.76 18.69
N LEU A 381 12.66 11.40 18.65
CA LEU A 381 11.89 11.66 19.85
C LEU A 381 10.45 11.97 19.48
N ARG A 382 9.52 11.45 20.27
CA ARG A 382 8.09 11.62 20.02
C ARG A 382 7.40 12.10 21.27
N ARG A 383 6.70 13.22 21.18
CA ARG A 383 5.96 13.76 22.31
C ARG A 383 4.54 14.08 21.87
N CYS A 384 3.61 14.03 22.82
CA CYS A 384 2.21 14.27 22.51
C CYS A 384 1.68 15.37 23.42
N CYS A 385 0.52 15.90 23.05
CA CYS A 385 -0.21 16.86 23.87
C CYS A 385 -1.65 16.89 23.38
N ALA A 386 -2.50 17.64 24.09
CA ALA A 386 -3.91 17.68 23.73
C ALA A 386 -4.11 18.47 22.44
N LEU A 387 -5.09 18.04 21.65
CA LEU A 387 -5.52 18.72 20.43
C LEU A 387 -6.98 19.13 20.59
N THR A 388 -7.22 20.40 20.93
CA THR A 388 -8.55 20.86 21.31
C THR A 388 -9.22 21.75 20.28
N ARG A 389 -8.46 22.53 19.51
CA ARG A 389 -9.00 23.39 18.47
C ARG A 389 -8.21 23.17 17.20
N TYR A 390 -8.91 23.16 16.06
CA TYR A 390 -8.26 23.10 14.76
C TYR A 390 -7.76 24.50 14.41
N ASP A 391 -6.74 24.93 15.15
CA ASP A 391 -6.09 26.23 14.92
C ASP A 391 -4.60 26.02 14.76
N ALA A 392 -4.08 26.48 13.61
CA ALA A 392 -2.69 26.23 13.28
C ALA A 392 -1.75 26.89 14.27
N HIS A 393 -2.03 28.12 14.66
CA HIS A 393 -1.12 28.83 15.56
C HIS A 393 -1.02 28.16 16.91
N LYS A 394 -2.14 27.72 17.47
CA LYS A 394 -2.06 27.06 18.77
C LYS A 394 -1.33 25.72 18.66
N MET A 395 -1.65 24.95 17.62
CA MET A 395 -1.02 23.65 17.44
C MET A 395 0.50 23.77 17.35
N SER A 396 0.98 24.74 16.58
CA SER A 396 2.43 24.94 16.44
C SER A 396 3.03 25.52 17.71
N HIS A 397 2.31 26.41 18.38
CA HIS A 397 2.74 26.86 19.69
C HIS A 397 2.87 25.68 20.66
N ASP A 398 1.89 24.78 20.65
CA ASP A 398 1.94 23.63 21.55
C ASP A 398 3.03 22.65 21.13
N ALA A 399 3.21 22.43 19.82
CA ALA A 399 4.26 21.53 19.37
C ALA A 399 5.62 22.06 19.81
N PHE A 400 5.84 23.35 19.66
CA PHE A 400 7.09 23.92 20.13
C PHE A 400 7.23 23.74 21.64
N THR A 401 6.18 24.04 22.39
CA THR A 401 6.22 23.90 23.83
C THR A 401 6.74 22.53 24.23
N VAL A 402 6.17 21.47 23.66
CA VAL A 402 6.58 20.12 24.07
C VAL A 402 7.90 19.68 23.48
N ILE A 403 8.60 20.52 22.72
CA ILE A 403 9.92 20.10 22.22
C ILE A 403 11.02 21.10 22.52
N LYS A 404 10.69 22.27 23.08
CA LYS A 404 11.70 23.31 23.27
C LYS A 404 12.84 22.89 24.19
N ASN A 405 12.59 21.95 25.10
CA ASN A 405 13.64 21.49 26.02
C ASN A 405 14.63 20.56 25.35
N CYS A 406 14.31 20.02 24.17
CA CYS A 406 15.30 19.26 23.42
C CYS A 406 16.44 20.12 22.92
N ASN A 407 16.28 21.45 22.95
CA ASN A 407 17.31 22.37 22.49
C ASN A 407 18.47 22.36 23.47
N THR A 408 19.54 21.61 23.13
CA THR A 408 20.72 21.50 23.99
C THR A 408 21.58 22.76 23.97
N SER A 409 21.26 23.73 23.12
CA SER A 409 22.03 24.97 23.08
C SER A 409 21.66 25.86 24.27
N GLY A 410 22.68 26.49 24.85
CA GLY A 410 22.43 27.46 25.90
C GLY A 410 21.87 28.77 25.37
N ILE A 411 22.18 29.12 24.12
CA ILE A 411 21.59 30.30 23.51
C ILE A 411 20.08 30.14 23.48
N GLN A 412 19.37 31.27 23.55
CA GLN A 412 17.93 31.27 23.41
C GLN A 412 17.49 31.29 21.95
N THR A 413 18.29 31.89 21.07
CA THR A 413 17.94 32.07 19.66
C THR A 413 18.49 30.98 18.76
N GLU A 414 19.39 30.14 19.25
CA GLU A 414 19.96 29.07 18.44
C GLU A 414 19.34 27.73 18.83
N TRP A 415 19.45 26.77 17.93
CA TRP A 415 18.96 25.41 18.15
C TRP A 415 20.06 24.42 17.83
N SER A 416 20.64 23.82 18.87
CA SER A 416 21.58 22.74 18.69
C SER A 416 21.09 21.55 19.50
N PRO A 417 21.30 20.31 19.02
CA PRO A 417 21.77 20.03 17.66
C PRO A 417 20.69 20.33 16.63
N PRO A 418 21.10 20.78 15.45
CA PRO A 418 20.12 21.19 14.44
C PRO A 418 19.13 20.09 14.10
N LEU A 419 17.92 20.50 13.73
CA LEU A 419 16.80 19.59 13.53
C LEU A 419 16.71 19.16 12.07
N THR A 420 16.72 17.85 11.84
CA THR A 420 16.68 17.33 10.48
C THR A 420 15.31 16.79 10.10
N MET A 421 14.31 16.89 10.99
CA MET A 421 12.97 16.43 10.68
C MET A 421 11.98 17.02 11.68
N LEU A 422 10.86 17.51 11.15
CA LEU A 422 9.73 17.96 11.95
C LEU A 422 8.49 17.20 11.52
N PHE A 423 7.67 16.79 12.49
CA PHE A 423 6.54 15.91 12.24
C PHE A 423 5.40 16.33 13.17
N LEU A 424 4.22 16.52 12.60
CA LEU A 424 3.00 16.80 13.35
C LEU A 424 1.94 15.80 12.88
N CYS A 425 1.34 15.11 13.84
CA CYS A 425 0.38 14.05 13.55
C CYS A 425 -0.82 14.19 14.47
N ALA A 426 -2.00 14.23 13.88
CA ALA A 426 -3.24 14.23 14.63
C ALA A 426 -3.70 12.79 14.81
N THR A 427 -4.13 12.45 16.03
CA THR A 427 -4.51 11.07 16.36
C THR A 427 -5.73 11.09 17.27
N LYS A 428 -6.08 9.90 17.77
CA LYS A 428 -7.14 9.68 18.75
C LYS A 428 -8.42 10.39 18.34
N PHE A 429 -8.97 9.95 17.20
CA PHE A 429 -10.22 10.50 16.71
C PHE A 429 -11.38 9.95 17.53
N SER A 430 -12.45 10.77 17.61
CA SER A 430 -13.72 10.42 18.25
C SER A 430 -14.85 11.03 17.45
N ALA A 431 -16.01 10.37 17.48
CA ALA A 431 -17.12 10.78 16.62
C ALA A 431 -17.57 12.21 16.93
N SER A 432 -17.83 12.97 15.86
CA SER A 432 -18.22 14.37 15.97
C SER A 432 -19.57 14.65 15.33
#